data_2B69
#
_entry.id   2B69
#
_cell.length_a   46.000
_cell.length_b   45.000
_cell.length_c   85.000
_cell.angle_alpha   90.00
_cell.angle_beta   97.00
_cell.angle_gamma   90.00
#
_symmetry.space_group_name_H-M   'P 1 2 1'
#
loop_
_entity.id
_entity.type
_entity.pdbx_description
1 polymer 'UDP-glucuronate decarboxylase 1'
2 non-polymer NICOTINAMIDE-ADENINE-DINUCLEOTIDE
3 non-polymer "URIDINE-5'-DIPHOSPHATE"
4 water water
#
_entity_poly.entity_id   1
_entity_poly.type   'polypeptide(L)'
_entity_poly.pdbx_seq_one_letter_code
;(MSE)GSSHHHHHHSSGRENLYFQGH(MSE)EKDRKRILITGGAGFVGSHLTDKL(MSE)(MSE)DGHEVTVVDNFFTGR
KRNVEHWIGHENFELINHDVVEPLYIEVDQIYHLASPASPPNY(MSE)YNPIKTLKTNTIGTLN(MSE)LGLAKRVGARL
LLASTSEVYGDPEVHPQSEDYWGHVNPIGPRACYDEGKRVAET(MSE)CYAY(MSE)KQEGVEVRVARIFNTFGPR
(MSE)H(MSE)NDGRVVSNFILQALQGEPLTVYGSGSQTRAFQYVSDLVNGLVAL(MSE)NSNVSSPVNLGNPEEHTILE
FAQLIKNLVGSGSEIQFLSEAQDDPQKRKPDIKKAKL(MSE)LGWEPVVPLEEGLNKAIHYFRKELEYQANNQGS
;
_entity_poly.pdbx_strand_id   A
#
loop_
_chem_comp.id
_chem_comp.type
_chem_comp.name
_chem_comp.formula
NAD non-polymer NICOTINAMIDE-ADENINE-DINUCLEOTIDE 'C21 H27 N7 O14 P2'
UDP RNA linking URIDINE-5'-DIPHOSPHATE 'C9 H14 N2 O12 P2'
#
# COMPACT_ATOMS: atom_id res chain seq x y z
N ARG A 27 -3.95 -7.49 -25.41
CA ARG A 27 -4.81 -6.77 -24.42
C ARG A 27 -5.56 -7.75 -23.50
N LYS A 28 -5.83 -7.31 -22.28
CA LYS A 28 -6.35 -8.18 -21.23
C LYS A 28 -7.56 -7.58 -20.49
N ARG A 29 -8.38 -8.47 -19.92
CA ARG A 29 -9.43 -8.08 -18.97
C ARG A 29 -8.87 -8.16 -17.55
N ILE A 30 -8.83 -7.03 -16.84
CA ILE A 30 -8.18 -6.92 -15.53
C ILE A 30 -9.14 -6.41 -14.41
N LEU A 31 -9.22 -7.12 -13.28
CA LEU A 31 -9.92 -6.65 -12.05
C LEU A 31 -8.94 -6.04 -11.04
N ILE A 32 -9.24 -4.86 -10.47
CA ILE A 32 -8.46 -4.26 -9.37
C ILE A 32 -9.37 -4.07 -8.13
N THR A 33 -9.21 -4.92 -7.10
CA THR A 33 -9.95 -4.68 -5.84
C THR A 33 -9.24 -3.59 -5.04
N GLY A 34 -10.00 -2.72 -4.36
CA GLY A 34 -9.40 -1.54 -3.72
C GLY A 34 -8.95 -0.50 -4.74
N GLY A 35 -9.46 -0.57 -5.97
CA GLY A 35 -9.02 0.31 -7.06
C GLY A 35 -9.37 1.78 -6.95
N ALA A 36 -10.28 2.16 -6.02
CA ALA A 36 -10.61 3.57 -5.76
C ALA A 36 -9.80 4.20 -4.60
N GLY A 37 -8.81 3.47 -4.08
CA GLY A 37 -7.93 3.97 -3.04
C GLY A 37 -6.74 4.71 -3.62
N PHE A 38 -5.79 5.01 -2.75
CA PHE A 38 -4.56 5.74 -3.12
C PHE A 38 -3.72 5.00 -4.21
N VAL A 39 -3.16 3.84 -3.89
CA VAL A 39 -2.33 3.12 -4.87
C VAL A 39 -3.17 2.61 -6.07
N GLY A 40 -4.34 2.06 -5.77
CA GLY A 40 -5.18 1.47 -6.80
C GLY A 40 -5.60 2.42 -7.90
N SER A 41 -5.83 3.68 -7.55
CA SER A 41 -6.23 4.68 -8.55
C SER A 41 -5.09 4.99 -9.55
N HIS A 42 -3.85 5.01 -9.06
CA HIS A 42 -2.66 5.18 -9.93
C HIS A 42 -2.39 3.94 -10.84
N LEU A 43 -2.63 2.75 -10.30
CA LEU A 43 -2.53 1.51 -11.09
C LEU A 43 -3.61 1.47 -12.20
N THR A 44 -4.83 1.88 -11.86
CA THR A 44 -5.93 2.01 -12.83
C THR A 44 -5.50 2.91 -14.01
N ASP A 45 -4.93 4.09 -13.69
CA ASP A 45 -4.45 5.01 -14.74
C ASP A 45 -3.46 4.33 -15.72
N LYS A 46 -2.46 3.63 -15.20
CA LYS A 46 -1.45 2.98 -16.07
C LYS A 46 -2.07 1.94 -17.02
N LEU A 47 -2.92 1.08 -16.48
CA LEU A 47 -3.50 -0.01 -17.27
C LEU A 47 -4.52 0.45 -18.30
N MSE A 48 -5.28 1.51 -17.96
CA MSE A 48 -6.20 2.13 -18.93
C MSE A 48 -5.43 2.79 -20.08
O MSE A 48 -5.82 2.67 -21.24
CB MSE A 48 -7.13 3.13 -18.23
CG MSE A 48 -8.21 2.49 -17.36
SE MSE A 48 -9.60 1.54 -18.32
CE MSE A 48 -10.19 2.89 -19.49
N MSE A 49 -4.33 3.47 -19.76
CA MSE A 49 -3.49 4.12 -20.80
C MSE A 49 -2.91 3.08 -21.78
O MSE A 49 -2.72 3.38 -22.97
CB MSE A 49 -2.31 4.87 -20.17
CG MSE A 49 -2.62 5.78 -19.00
SE MSE A 49 -2.38 7.64 -19.37
CE MSE A 49 -3.78 7.66 -20.80
N ASP A 50 -2.60 1.89 -21.27
CA ASP A 50 -2.03 0.79 -22.08
C ASP A 50 -3.05 0.01 -22.91
N GLY A 51 -4.34 0.33 -22.76
CA GLY A 51 -5.38 -0.20 -23.66
C GLY A 51 -6.14 -1.41 -23.16
N HIS A 52 -6.00 -1.76 -21.88
CA HIS A 52 -6.69 -2.92 -21.31
C HIS A 52 -8.13 -2.59 -20.89
N GLU A 53 -8.94 -3.63 -20.66
CA GLU A 53 -10.29 -3.46 -20.11
C GLU A 53 -10.27 -3.64 -18.59
N VAL A 54 -10.45 -2.54 -17.84
CA VAL A 54 -10.28 -2.51 -16.36
C VAL A 54 -11.62 -2.38 -15.59
N THR A 55 -11.84 -3.33 -14.67
CA THR A 55 -12.95 -3.28 -13.69
C THR A 55 -12.41 -2.98 -12.28
N VAL A 56 -12.90 -1.93 -11.63
CA VAL A 56 -12.57 -1.58 -10.22
C VAL A 56 -13.70 -2.01 -9.27
N VAL A 57 -13.32 -2.73 -8.21
CA VAL A 57 -14.23 -3.09 -7.10
C VAL A 57 -13.79 -2.38 -5.80
N ASP A 58 -14.69 -1.66 -5.14
CA ASP A 58 -14.39 -0.93 -3.89
C ASP A 58 -15.68 -0.69 -3.07
N ASN A 59 -15.59 -0.66 -1.73
CA ASN A 59 -16.74 -0.33 -0.83
C ASN A 59 -16.67 1.08 -0.22
N PHE A 60 -15.62 1.83 -0.58
CA PHE A 60 -15.46 3.24 -0.15
C PHE A 60 -15.34 3.42 1.38
N PHE A 61 -14.83 2.39 2.05
CA PHE A 61 -14.52 2.51 3.48
C PHE A 61 -13.42 3.56 3.74
N THR A 62 -12.34 3.50 2.95
CA THR A 62 -11.24 4.49 3.03
C THR A 62 -10.91 5.18 1.69
N GLY A 63 -11.38 4.62 0.56
CA GLY A 63 -11.22 5.23 -0.75
C GLY A 63 -12.45 6.05 -1.14
N ARG A 64 -12.47 6.57 -2.38
CA ARG A 64 -13.53 7.47 -2.81
C ARG A 64 -13.66 7.52 -4.33
N LYS A 65 -14.90 7.74 -4.79
CA LYS A 65 -15.19 7.79 -6.23
C LYS A 65 -14.36 8.87 -6.95
N ARG A 66 -14.09 9.97 -6.26
CA ARG A 66 -13.31 11.07 -6.82
C ARG A 66 -11.92 10.63 -7.35
N ASN A 67 -11.32 9.59 -6.77
CA ASN A 67 -9.98 9.15 -7.19
C ASN A 67 -9.92 8.52 -8.60
N VAL A 68 -11.06 8.03 -9.11
CA VAL A 68 -11.13 7.41 -10.45
C VAL A 68 -12.20 8.04 -11.37
N GLU A 69 -12.76 9.18 -10.96
CA GLU A 69 -13.92 9.76 -11.68
C GLU A 69 -13.64 10.12 -13.15
N HIS A 70 -12.38 10.41 -13.47
CA HIS A 70 -11.97 10.74 -14.84
C HIS A 70 -12.12 9.60 -15.87
N TRP A 71 -12.23 8.35 -15.39
CA TRP A 71 -12.46 7.21 -16.31
C TRP A 71 -13.93 6.79 -16.47
N ILE A 72 -14.82 7.32 -15.62
CA ILE A 72 -16.25 6.94 -15.65
C ILE A 72 -16.86 7.36 -16.98
N GLY A 73 -17.44 6.40 -17.71
CA GLY A 73 -17.95 6.65 -19.07
C GLY A 73 -17.09 6.10 -20.21
N HIS A 74 -15.82 5.81 -19.94
CA HIS A 74 -14.92 5.24 -20.96
C HIS A 74 -15.35 3.80 -21.30
N GLU A 75 -15.29 3.44 -22.58
CA GLU A 75 -15.74 2.12 -23.05
C GLU A 75 -15.01 0.93 -22.41
N ASN A 76 -13.76 1.14 -21.99
CA ASN A 76 -12.95 0.08 -21.38
C ASN A 76 -12.92 0.11 -19.84
N PHE A 77 -13.75 0.92 -19.18
CA PHE A 77 -13.76 1.06 -17.69
C PHE A 77 -15.11 0.75 -17.05
N GLU A 78 -15.10 0.04 -15.91
CA GLU A 78 -16.30 -0.07 -15.03
C GLU A 78 -15.93 0.03 -13.53
N LEU A 79 -16.72 0.79 -12.77
CA LEU A 79 -16.61 0.89 -11.30
C LEU A 79 -17.79 0.15 -10.64
N ILE A 80 -17.50 -0.79 -9.74
CA ILE A 80 -18.52 -1.55 -9.01
C ILE A 80 -18.39 -1.31 -7.48
N ASN A 81 -19.49 -0.84 -6.86
CA ASN A 81 -19.65 -0.69 -5.40
C ASN A 81 -19.89 -2.08 -4.81
N HIS A 82 -18.86 -2.66 -4.20
CA HIS A 82 -18.89 -4.05 -3.76
C HIS A 82 -17.85 -4.28 -2.63
N ASP A 83 -18.27 -4.98 -1.58
CA ASP A 83 -17.39 -5.38 -0.46
C ASP A 83 -16.85 -6.79 -0.76
N VAL A 84 -15.52 -6.95 -0.80
CA VAL A 84 -14.89 -8.25 -1.17
C VAL A 84 -15.24 -9.42 -0.24
N VAL A 85 -15.79 -9.15 0.96
CA VAL A 85 -16.24 -10.25 1.83
C VAL A 85 -17.50 -10.94 1.29
N GLU A 86 -18.18 -10.30 0.33
CA GLU A 86 -19.35 -10.85 -0.35
C GLU A 86 -18.93 -11.49 -1.71
N PRO A 87 -19.45 -12.69 -2.05
CA PRO A 87 -19.05 -13.35 -3.32
C PRO A 87 -19.28 -12.55 -4.62
N LEU A 88 -18.32 -12.65 -5.57
CA LEU A 88 -18.25 -11.86 -6.82
C LEU A 88 -17.98 -12.77 -8.03
N TYR A 89 -18.87 -12.77 -9.05
CA TYR A 89 -18.77 -13.66 -10.21
C TYR A 89 -18.65 -12.90 -11.54
N ILE A 90 -17.42 -12.66 -11.99
CA ILE A 90 -17.13 -12.01 -13.27
C ILE A 90 -16.03 -12.77 -14.07
N GLU A 91 -15.84 -12.44 -15.35
CA GLU A 91 -14.83 -13.10 -16.21
C GLU A 91 -13.64 -12.16 -16.52
N VAL A 92 -12.45 -12.50 -16.01
CA VAL A 92 -11.23 -11.68 -16.20
C VAL A 92 -9.99 -12.58 -16.41
N ASP A 93 -8.93 -11.99 -16.95
CA ASP A 93 -7.63 -12.66 -17.17
C ASP A 93 -6.63 -12.48 -16.00
N GLN A 94 -6.73 -11.36 -15.28
CA GLN A 94 -5.80 -10.98 -14.19
C GLN A 94 -6.57 -10.28 -13.05
N ILE A 95 -6.13 -10.49 -11.80
CA ILE A 95 -6.69 -9.81 -10.61
C ILE A 95 -5.57 -9.20 -9.76
N TYR A 96 -5.57 -7.87 -9.64
CA TYR A 96 -4.71 -7.16 -8.67
C TYR A 96 -5.51 -6.94 -7.37
N HIS A 97 -5.16 -7.66 -6.31
CA HIS A 97 -5.95 -7.66 -5.05
C HIS A 97 -5.36 -6.70 -3.99
N LEU A 98 -5.87 -5.46 -3.96
CA LEU A 98 -5.43 -4.36 -3.08
C LEU A 98 -6.43 -3.95 -1.95
N ALA A 99 -7.61 -4.59 -1.88
CA ALA A 99 -8.63 -4.21 -0.89
C ALA A 99 -8.27 -4.52 0.59
N SER A 100 -7.99 -3.47 1.37
CA SER A 100 -7.78 -3.52 2.84
C SER A 100 -7.59 -2.08 3.34
N PRO A 101 -8.06 -1.75 4.56
CA PRO A 101 -7.57 -0.49 5.15
C PRO A 101 -6.05 -0.58 5.37
N ALA A 102 -5.36 0.56 5.25
CA ALA A 102 -3.89 0.59 5.23
C ALA A 102 -3.23 1.47 6.29
N SER A 103 -3.94 2.49 6.79
CA SER A 103 -3.43 3.42 7.81
CA SER A 103 -3.39 3.39 7.81
C SER A 103 -3.69 2.87 9.21
N PRO A 104 -2.67 2.87 10.11
CA PRO A 104 -2.93 2.33 11.46
C PRO A 104 -4.18 2.87 12.21
N PRO A 105 -4.41 4.19 12.23
CA PRO A 105 -5.70 4.60 12.83
C PRO A 105 -6.96 4.04 12.15
N ASN A 106 -6.93 3.83 10.82
CA ASN A 106 -8.09 3.30 10.10
C ASN A 106 -8.20 1.77 10.13
N TYR A 107 -7.09 1.04 10.25
CA TYR A 107 -7.21 -0.40 10.40
C TYR A 107 -7.48 -0.83 11.83
N MSE A 108 -7.11 0.01 12.80
CA MSE A 108 -7.46 -0.23 14.19
C MSE A 108 -8.84 0.34 14.58
O MSE A 108 -9.30 0.09 15.68
CB MSE A 108 -6.37 0.33 15.11
CG MSE A 108 -4.98 -0.28 14.91
SE MSE A 108 -3.72 0.24 16.31
CE MSE A 108 -3.57 2.13 15.94
N TYR A 109 -9.51 1.09 13.69
CA TYR A 109 -10.84 1.66 13.98
C TYR A 109 -11.83 0.56 14.36
N ASN A 110 -11.88 -0.46 13.51
CA ASN A 110 -12.74 -1.61 13.65
C ASN A 110 -11.90 -2.86 13.30
N PRO A 111 -11.32 -3.50 14.32
CA PRO A 111 -10.47 -4.67 14.09
C PRO A 111 -11.18 -5.87 13.43
N ILE A 112 -12.47 -6.06 13.73
CA ILE A 112 -13.25 -7.14 13.11
C ILE A 112 -13.37 -6.92 11.57
N LYS A 113 -13.70 -5.70 11.16
CA LYS A 113 -13.76 -5.39 9.72
C LYS A 113 -12.44 -5.65 9.01
N THR A 114 -11.34 -5.23 9.63
CA THR A 114 -9.99 -5.42 9.04
C THR A 114 -9.68 -6.90 8.84
N LEU A 115 -9.92 -7.71 9.87
CA LEU A 115 -9.67 -9.14 9.81
C LEU A 115 -10.52 -9.85 8.73
N LYS A 116 -11.83 -9.54 8.70
CA LYS A 116 -12.73 -10.16 7.71
C LYS A 116 -12.31 -9.83 6.26
N THR A 117 -11.93 -8.58 6.03
CA THR A 117 -11.50 -8.15 4.68
C THR A 117 -10.29 -8.96 4.19
N ASN A 118 -9.28 -9.11 5.04
CA ASN A 118 -8.05 -9.79 4.65
C ASN A 118 -8.15 -11.31 4.53
N THR A 119 -9.07 -11.92 5.27
CA THR A 119 -9.24 -13.38 5.27
C THR A 119 -10.33 -13.83 4.28
N ILE A 120 -11.58 -13.49 4.58
CA ILE A 120 -12.71 -13.86 3.71
CA ILE A 120 -12.72 -13.85 3.71
C ILE A 120 -12.56 -13.23 2.32
N GLY A 121 -12.14 -11.97 2.26
CA GLY A 121 -11.94 -11.29 0.98
C GLY A 121 -10.93 -11.99 0.07
N THR A 122 -9.79 -12.39 0.64
CA THR A 122 -8.76 -13.09 -0.13
C THR A 122 -9.23 -14.49 -0.59
N LEU A 123 -9.94 -15.22 0.27
CA LEU A 123 -10.50 -16.50 -0.13
C LEU A 123 -11.46 -16.37 -1.33
N ASN A 124 -12.31 -15.36 -1.30
CA ASN A 124 -13.28 -15.12 -2.41
C ASN A 124 -12.54 -14.80 -3.74
N MSE A 125 -11.48 -14.00 -3.67
CA MSE A 125 -10.74 -13.66 -4.91
C MSE A 125 -9.90 -14.83 -5.48
O MSE A 125 -9.78 -14.96 -6.71
CB MSE A 125 -9.87 -12.41 -4.68
CG MSE A 125 -10.71 -11.13 -4.35
SE MSE A 125 -12.09 -10.63 -5.66
CE MSE A 125 -13.61 -11.55 -4.98
N LEU A 126 -9.37 -15.68 -4.61
CA LEU A 126 -8.69 -16.91 -5.05
C LEU A 126 -9.69 -17.91 -5.66
N GLY A 127 -10.90 -17.97 -5.08
CA GLY A 127 -11.99 -18.79 -5.65
C GLY A 127 -12.38 -18.36 -7.06
N LEU A 128 -12.48 -17.05 -7.24
CA LEU A 128 -12.70 -16.48 -8.58
C LEU A 128 -11.56 -16.85 -9.56
N ALA A 129 -10.31 -16.63 -9.17
CA ALA A 129 -9.16 -16.95 -10.03
C ALA A 129 -9.13 -18.44 -10.46
N LYS A 130 -9.44 -19.32 -9.52
CA LYS A 130 -9.51 -20.76 -9.79
C LYS A 130 -10.59 -21.06 -10.87
N ARG A 131 -11.77 -20.50 -10.71
CA ARG A 131 -12.90 -20.80 -11.60
C ARG A 131 -12.63 -20.34 -13.05
N VAL A 132 -12.10 -19.13 -13.22
CA VAL A 132 -11.95 -18.55 -14.57
C VAL A 132 -10.53 -18.66 -15.18
N GLY A 133 -9.57 -19.16 -14.42
CA GLY A 133 -8.20 -19.31 -14.93
C GLY A 133 -7.41 -18.02 -14.97
N ALA A 134 -7.67 -17.13 -14.01
CA ALA A 134 -6.96 -15.83 -13.89
C ALA A 134 -5.69 -15.94 -13.04
N ARG A 135 -4.71 -15.09 -13.34
CA ARG A 135 -3.51 -14.87 -12.52
C ARG A 135 -3.82 -13.80 -11.44
N LEU A 136 -3.51 -14.08 -10.17
CA LEU A 136 -3.79 -13.14 -9.06
C LEU A 136 -2.51 -12.61 -8.42
N LEU A 137 -2.45 -11.29 -8.22
CA LEU A 137 -1.37 -10.64 -7.45
C LEU A 137 -1.91 -10.11 -6.09
N LEU A 138 -1.23 -10.45 -4.99
CA LEU A 138 -1.57 -9.97 -3.64
C LEU A 138 -0.71 -8.77 -3.24
N ALA A 139 -1.36 -7.70 -2.78
CA ALA A 139 -0.68 -6.55 -2.17
C ALA A 139 -0.41 -6.81 -0.68
N SER A 140 0.67 -7.52 -0.41
CA SER A 140 1.14 -7.73 0.96
C SER A 140 1.98 -6.52 1.44
N THR A 141 2.63 -6.66 2.60
CA THR A 141 3.16 -5.53 3.36
C THR A 141 4.48 -5.89 4.05
N SER A 142 5.37 -4.90 4.18
CA SER A 142 6.53 -4.99 5.06
C SER A 142 6.15 -5.33 6.52
N GLU A 143 4.90 -5.07 6.95
CA GLU A 143 4.46 -5.42 8.33
C GLU A 143 4.52 -6.93 8.61
N VAL A 144 4.60 -7.78 7.56
CA VAL A 144 4.79 -9.22 7.79
CA VAL A 144 4.83 -9.23 7.73
C VAL A 144 6.12 -9.47 8.53
N TYR A 145 7.09 -8.56 8.40
CA TYR A 145 8.38 -8.65 9.10
C TYR A 145 8.30 -8.14 10.57
N GLY A 146 7.23 -7.41 10.94
CA GLY A 146 7.02 -6.94 12.33
C GLY A 146 8.06 -5.92 12.80
N ASP A 147 8.52 -6.06 14.05
CA ASP A 147 9.58 -5.23 14.64
C ASP A 147 10.90 -6.00 14.39
N PRO A 148 11.63 -5.68 13.30
CA PRO A 148 12.66 -6.63 12.80
C PRO A 148 13.90 -6.83 13.67
N GLU A 149 14.43 -8.05 13.64
CA GLU A 149 15.67 -8.39 14.35
C GLU A 149 16.85 -8.72 13.39
N VAL A 150 16.67 -8.45 12.09
CA VAL A 150 17.73 -8.44 11.06
C VAL A 150 17.58 -7.16 10.22
N HIS A 151 18.65 -6.76 9.52
CA HIS A 151 18.67 -5.53 8.73
C HIS A 151 19.64 -5.68 7.55
N PRO A 152 19.25 -5.23 6.32
CA PRO A 152 17.90 -4.87 5.89
C PRO A 152 17.00 -6.13 5.92
N GLN A 153 15.75 -6.00 5.47
CA GLN A 153 14.83 -7.14 5.46
C GLN A 153 14.72 -7.75 4.03
N SER A 154 15.23 -8.97 3.85
CA SER A 154 15.07 -9.72 2.60
C SER A 154 13.92 -10.71 2.70
N GLU A 155 13.52 -11.29 1.57
CA GLU A 155 12.32 -12.11 1.48
C GLU A 155 12.46 -13.44 2.23
N ASP A 156 13.68 -13.83 2.59
CA ASP A 156 13.87 -15.04 3.36
CA ASP A 156 13.94 -15.03 3.38
C ASP A 156 13.62 -14.87 4.88
N TYR A 157 13.49 -13.62 5.37
CA TYR A 157 13.23 -13.37 6.83
C TYR A 157 11.79 -13.72 7.23
N TRP A 158 11.60 -14.46 8.32
CA TRP A 158 10.26 -14.89 8.77
C TRP A 158 9.46 -13.82 9.57
N GLY A 159 10.12 -12.80 10.10
CA GLY A 159 9.46 -11.71 10.87
C GLY A 159 9.33 -11.90 12.39
N HIS A 160 9.02 -10.79 13.10
CA HIS A 160 8.82 -10.75 14.56
C HIS A 160 7.55 -9.93 14.90
N VAL A 161 6.40 -10.61 14.99
CA VAL A 161 5.06 -10.01 15.00
C VAL A 161 4.26 -10.46 16.23
N ASN A 162 3.67 -9.51 16.98
CA ASN A 162 2.78 -9.80 18.12
C ASN A 162 1.40 -10.27 17.58
N PRO A 163 1.01 -11.54 17.82
CA PRO A 163 -0.27 -12.00 17.29
C PRO A 163 -1.53 -11.44 17.99
N ILE A 164 -1.40 -10.81 19.18
CA ILE A 164 -2.57 -10.32 19.94
C ILE A 164 -2.55 -8.85 20.35
N GLY A 165 -1.59 -8.09 19.83
CA GLY A 165 -1.50 -6.66 20.09
C GLY A 165 -2.47 -5.84 19.25
N PRO A 166 -2.50 -4.51 19.47
CA PRO A 166 -3.47 -3.68 18.77
C PRO A 166 -3.32 -3.60 17.23
N ARG A 167 -2.12 -3.86 16.68
CA ARG A 167 -1.91 -3.86 15.21
C ARG A 167 -2.14 -5.24 14.54
N ALA A 168 -2.37 -6.26 15.35
CA ALA A 168 -2.41 -7.65 14.83
C ALA A 168 -3.57 -7.92 13.85
N CYS A 169 -4.70 -7.23 14.01
CA CYS A 169 -5.82 -7.35 13.06
C CYS A 169 -5.35 -7.17 11.60
N TYR A 170 -4.40 -6.25 11.40
CA TYR A 170 -3.79 -6.04 10.08
C TYR A 170 -2.58 -6.98 9.83
N ASP A 171 -1.64 -7.03 10.76
CA ASP A 171 -0.38 -7.77 10.53
C ASP A 171 -0.64 -9.25 10.28
N GLU A 172 -1.45 -9.85 11.17
CA GLU A 172 -1.80 -11.28 11.04
C GLU A 172 -2.75 -11.55 9.88
N GLY A 173 -3.66 -10.62 9.60
CA GLY A 173 -4.51 -10.74 8.41
C GLY A 173 -3.70 -10.83 7.12
N LYS A 174 -2.67 -9.99 6.99
CA LYS A 174 -1.83 -10.01 5.78
C LYS A 174 -0.92 -11.25 5.70
N ARG A 175 -0.37 -11.68 6.84
CA ARG A 175 0.46 -12.91 6.85
C ARG A 175 -0.36 -14.13 6.37
N VAL A 176 -1.56 -14.29 6.91
CA VAL A 176 -2.40 -15.44 6.50
C VAL A 176 -2.93 -15.32 5.05
N ALA A 177 -3.10 -14.10 4.55
CA ALA A 177 -3.44 -13.94 3.12
C ALA A 177 -2.33 -14.52 2.19
N GLU A 178 -1.05 -14.30 2.54
CA GLU A 178 0.07 -14.92 1.80
C GLU A 178 -0.02 -16.45 1.84
N THR A 179 -0.28 -16.99 3.04
CA THR A 179 -0.40 -18.43 3.22
C THR A 179 -1.48 -19.01 2.28
N MSE A 180 -2.62 -18.32 2.21
CA MSE A 180 -3.75 -18.71 1.34
C MSE A 180 -3.36 -18.78 -0.15
O MSE A 180 -3.70 -19.73 -0.87
CB MSE A 180 -4.92 -17.73 1.55
CG MSE A 180 -5.64 -17.80 2.92
SE MSE A 180 -7.03 -16.39 3.19
CE MSE A 180 -7.74 -17.11 4.83
N CYS A 181 -2.65 -17.77 -0.64
CA CYS A 181 -2.19 -17.77 -2.03
C CYS A 181 -1.36 -19.01 -2.37
N TYR A 182 -0.40 -19.36 -1.50
CA TYR A 182 0.46 -20.53 -1.78
C TYR A 182 -0.28 -21.85 -1.64
N ALA A 183 -1.29 -21.89 -0.75
CA ALA A 183 -2.15 -23.07 -0.66
C ALA A 183 -2.93 -23.32 -1.98
N TYR A 184 -3.49 -22.26 -2.56
CA TYR A 184 -4.22 -22.38 -3.85
C TYR A 184 -3.30 -22.71 -5.06
N MSE A 185 -2.07 -22.18 -5.05
CA MSE A 185 -1.09 -22.54 -6.08
C MSE A 185 -0.76 -24.04 -6.06
O MSE A 185 -0.78 -24.71 -7.11
CB MSE A 185 0.21 -21.73 -5.90
CG MSE A 185 1.41 -22.26 -6.66
SE MSE A 185 2.94 -21.10 -6.56
CE MSE A 185 2.37 -20.28 -8.04
N LYS A 186 -0.48 -24.56 -4.87
CA LYS A 186 -0.03 -25.95 -4.71
CA LYS A 186 -0.04 -25.95 -4.70
C LYS A 186 -1.16 -26.96 -4.94
N GLN A 187 -2.34 -26.67 -4.39
CA GLN A 187 -3.47 -27.62 -4.40
CA GLN A 187 -3.45 -27.63 -4.42
C GLN A 187 -4.34 -27.52 -5.64
N GLU A 188 -4.47 -26.31 -6.21
CA GLU A 188 -5.43 -26.06 -7.28
C GLU A 188 -4.84 -25.46 -8.57
N GLY A 189 -3.53 -25.27 -8.59
CA GLY A 189 -2.84 -24.79 -9.78
C GLY A 189 -3.07 -23.33 -10.14
N VAL A 190 -3.52 -22.52 -9.18
CA VAL A 190 -3.73 -21.09 -9.44
C VAL A 190 -2.37 -20.39 -9.60
N GLU A 191 -2.25 -19.56 -10.64
CA GLU A 191 -1.05 -18.74 -10.85
C GLU A 191 -1.11 -17.53 -9.90
N VAL A 192 -0.12 -17.41 -8.99
CA VAL A 192 -0.10 -16.34 -7.97
C VAL A 192 1.22 -15.56 -8.01
N ARG A 193 1.12 -14.29 -7.62
CA ARG A 193 2.23 -13.37 -7.46
C ARG A 193 2.03 -12.62 -6.11
N VAL A 194 3.11 -12.41 -5.36
CA VAL A 194 3.03 -11.76 -4.03
C VAL A 194 4.05 -10.62 -3.93
N ALA A 195 3.54 -9.40 -3.76
CA ALA A 195 4.37 -8.19 -3.54
C ALA A 195 4.36 -7.79 -2.06
N ARG A 196 5.54 -7.67 -1.47
CA ARG A 196 5.65 -7.12 -0.10
C ARG A 196 6.01 -5.63 -0.19
N ILE A 197 4.99 -4.80 0.01
CA ILE A 197 5.08 -3.37 -0.25
C ILE A 197 5.57 -2.59 0.98
N PHE A 198 6.60 -1.76 0.77
CA PHE A 198 7.15 -0.88 1.80
C PHE A 198 6.53 0.52 1.64
N ASN A 199 6.59 1.32 2.71
CA ASN A 199 5.90 2.63 2.83
C ASN A 199 5.94 3.45 1.54
N THR A 200 4.77 3.79 1.02
CA THR A 200 4.63 4.46 -0.28
C THR A 200 3.72 5.68 -0.07
N PHE A 201 4.05 6.79 -0.72
CA PHE A 201 3.31 8.05 -0.58
C PHE A 201 3.15 8.71 -1.95
N GLY A 202 2.24 9.69 -2.02
CA GLY A 202 2.01 10.44 -3.24
C GLY A 202 0.66 11.15 -3.25
N PRO A 203 0.30 11.75 -4.40
CA PRO A 203 -1.01 12.37 -4.55
C PRO A 203 -2.20 11.41 -4.35
N ARG A 204 -3.31 11.98 -3.87
CA ARG A 204 -4.63 11.36 -3.68
C ARG A 204 -4.89 10.75 -2.29
N MSE A 205 -3.90 10.80 -1.40
CA MSE A 205 -4.09 10.37 -0.01
CA MSE A 205 -4.11 10.36 -0.01
C MSE A 205 -5.11 11.31 0.69
O MSE A 205 -5.07 12.51 0.47
CB MSE A 205 -2.76 10.42 0.74
CB MSE A 205 -2.79 10.33 0.78
CG MSE A 205 -1.65 9.56 0.11
CG MSE A 205 -1.89 9.17 0.41
SE MSE A 205 -0.03 9.60 1.16
SE MSE A 205 -0.46 8.91 1.72
CE MSE A 205 -1.01 9.11 2.87
CE MSE A 205 0.57 10.55 1.36
N HIS A 206 -6.01 10.76 1.51
CA HIS A 206 -7.01 11.57 2.25
C HIS A 206 -6.35 12.48 3.32
N MSE A 207 -6.86 13.71 3.50
CA MSE A 207 -6.29 14.61 4.51
C MSE A 207 -6.32 14.04 5.93
O MSE A 207 -5.40 14.30 6.71
CB MSE A 207 -7.00 15.98 4.49
CG MSE A 207 -6.62 16.85 3.30
SE MSE A 207 -7.28 18.66 3.42
CE MSE A 207 -9.18 18.27 3.42
N ASN A 208 -7.34 13.26 6.26
CA ASN A 208 -7.44 12.61 7.56
C ASN A 208 -7.00 11.14 7.54
N ASP A 209 -6.16 10.76 6.57
CA ASP A 209 -5.65 9.38 6.47
C ASP A 209 -4.94 8.93 7.76
N GLY A 210 -4.07 9.79 8.30
CA GLY A 210 -3.41 9.54 9.57
C GLY A 210 -2.00 8.95 9.52
N ARG A 211 -1.53 8.61 8.32
CA ARG A 211 -0.15 8.17 8.13
C ARG A 211 0.80 9.39 8.20
N VAL A 212 2.09 9.13 8.31
CA VAL A 212 3.04 10.18 8.71
C VAL A 212 3.29 11.23 7.63
N VAL A 213 3.35 10.83 6.35
CA VAL A 213 3.71 11.79 5.29
C VAL A 213 2.59 12.83 5.13
N SER A 214 1.35 12.36 5.05
CA SER A 214 0.21 13.26 4.98
C SER A 214 0.03 14.14 6.24
N ASN A 215 0.17 13.55 7.44
CA ASN A 215 0.08 14.33 8.69
C ASN A 215 1.12 15.47 8.72
N PHE A 216 2.39 15.14 8.48
CA PHE A 216 3.47 16.14 8.58
C PHE A 216 3.33 17.23 7.52
N ILE A 217 3.00 16.86 6.28
CA ILE A 217 2.82 17.86 5.22
C ILE A 217 1.68 18.84 5.59
N LEU A 218 0.54 18.32 6.02
CA LEU A 218 -0.60 19.19 6.38
C LEU A 218 -0.37 20.06 7.62
N GLN A 219 0.30 19.51 8.63
CA GLN A 219 0.66 20.29 9.84
C GLN A 219 1.60 21.45 9.46
N ALA A 220 2.64 21.13 8.69
CA ALA A 220 3.59 22.14 8.21
C ALA A 220 2.93 23.22 7.38
N LEU A 221 2.07 22.84 6.44
CA LEU A 221 1.37 23.82 5.58
C LEU A 221 0.50 24.80 6.38
N GLN A 222 -0.06 24.34 7.51
CA GLN A 222 -0.98 25.17 8.32
C GLN A 222 -0.33 25.86 9.53
N GLY A 223 0.97 25.64 9.73
CA GLY A 223 1.69 26.23 10.87
C GLY A 223 1.40 25.59 12.22
N GLU A 224 0.78 24.42 12.20
CA GLU A 224 0.45 23.67 13.42
CA GLU A 224 0.46 23.68 13.42
C GLU A 224 1.62 22.78 13.82
N PRO A 225 1.68 22.39 15.11
CA PRO A 225 2.81 21.53 15.51
C PRO A 225 2.91 20.19 14.72
N LEU A 226 4.12 19.82 14.31
CA LEU A 226 4.37 18.48 13.73
C LEU A 226 4.39 17.50 14.91
N THR A 227 3.51 16.50 14.86
CA THR A 227 3.30 15.60 15.99
C THR A 227 4.15 14.31 15.86
N VAL A 228 5.33 14.30 16.45
CA VAL A 228 6.19 13.11 16.47
C VAL A 228 5.72 12.18 17.60
N TYR A 229 5.50 10.91 17.27
CA TYR A 229 5.07 9.89 18.22
C TYR A 229 6.28 9.16 18.81
N GLY A 230 6.55 9.44 20.09
CA GLY A 230 7.76 8.97 20.76
C GLY A 230 8.92 9.92 20.56
N SER A 231 10.14 9.39 20.61
CA SER A 231 11.34 10.21 20.47
C SER A 231 11.67 10.62 19.03
N GLY A 232 11.08 9.94 18.04
CA GLY A 232 11.43 10.14 16.63
C GLY A 232 12.68 9.42 16.13
N SER A 233 13.31 8.58 16.96
CA SER A 233 14.47 7.80 16.55
C SER A 233 14.13 6.54 15.73
N GLN A 234 12.87 6.14 15.70
CA GLN A 234 12.43 5.01 14.86
C GLN A 234 12.62 5.35 13.37
N THR A 235 12.88 4.35 12.51
CA THR A 235 13.16 4.58 11.07
C THR A 235 12.14 3.98 10.08
N ARG A 236 12.07 4.58 8.89
CA ARG A 236 11.27 4.10 7.74
C ARG A 236 12.01 4.44 6.42
N ALA A 237 11.65 3.76 5.32
CA ALA A 237 12.17 4.03 3.97
C ALA A 237 11.00 4.25 3.00
N PHE A 238 10.92 5.42 2.38
CA PHE A 238 9.73 5.86 1.62
C PHE A 238 9.96 5.84 0.09
N GLN A 239 8.91 5.41 -0.61
CA GLN A 239 8.91 5.25 -2.08
C GLN A 239 7.77 6.07 -2.69
N TYR A 240 8.03 6.71 -3.83
CA TYR A 240 6.99 7.41 -4.59
C TYR A 240 6.07 6.43 -5.34
N VAL A 241 4.78 6.77 -5.42
CA VAL A 241 3.76 5.87 -5.98
C VAL A 241 4.02 5.34 -7.43
N SER A 242 4.59 6.15 -8.33
CA SER A 242 4.82 5.69 -9.71
C SER A 242 5.83 4.52 -9.77
N ASP A 243 6.81 4.52 -8.87
CA ASP A 243 7.77 3.41 -8.77
C ASP A 243 7.08 2.11 -8.35
N LEU A 244 6.19 2.20 -7.36
CA LEU A 244 5.42 1.02 -6.91
C LEU A 244 4.57 0.46 -8.05
N VAL A 245 3.84 1.33 -8.75
CA VAL A 245 2.98 0.89 -9.87
C VAL A 245 3.79 0.15 -10.97
N ASN A 246 4.95 0.68 -11.36
CA ASN A 246 5.81 -0.01 -12.35
C ASN A 246 6.28 -1.38 -11.87
N GLY A 247 6.60 -1.48 -10.58
CA GLY A 247 6.98 -2.76 -9.97
C GLY A 247 5.85 -3.78 -9.95
N LEU A 248 4.64 -3.34 -9.61
CA LEU A 248 3.47 -4.24 -9.59
C LEU A 248 3.18 -4.86 -10.98
N VAL A 249 3.26 -4.05 -12.03
CA VAL A 249 3.01 -4.56 -13.41
C VAL A 249 4.15 -5.50 -13.88
N ALA A 250 5.39 -5.15 -13.56
CA ALA A 250 6.53 -6.04 -13.88
C ALA A 250 6.38 -7.41 -13.18
N LEU A 251 5.97 -7.40 -11.90
CA LEU A 251 5.82 -8.65 -11.16
C LEU A 251 4.67 -9.50 -11.72
N MSE A 252 3.51 -8.88 -11.98
CA MSE A 252 2.34 -9.59 -12.53
C MSE A 252 2.70 -10.35 -13.82
O MSE A 252 2.27 -11.49 -14.01
CB MSE A 252 1.21 -8.58 -12.80
CG MSE A 252 -0.01 -9.16 -13.52
SE MSE A 252 -1.07 -10.56 -12.58
CE MSE A 252 -2.22 -9.37 -11.61
N ASN A 253 3.49 -9.73 -14.69
CA ASN A 253 3.79 -10.29 -16.01
C ASN A 253 5.10 -11.08 -16.12
N SER A 254 5.75 -11.30 -14.97
CA SER A 254 6.93 -12.15 -14.84
C SER A 254 6.53 -13.60 -14.60
N ASN A 255 7.52 -14.48 -14.54
CA ASN A 255 7.32 -15.88 -14.14
C ASN A 255 7.78 -16.18 -12.69
N VAL A 256 7.86 -15.14 -11.86
CA VAL A 256 8.31 -15.27 -10.44
C VAL A 256 7.11 -15.36 -9.48
N SER A 257 6.89 -16.52 -8.85
CA SER A 257 5.74 -16.70 -7.95
C SER A 257 6.02 -16.52 -6.44
N SER A 258 7.30 -16.62 -6.03
CA SER A 258 7.70 -16.41 -4.63
C SER A 258 7.68 -14.90 -4.27
N PRO A 259 7.59 -14.52 -2.96
CA PRO A 259 7.44 -13.10 -2.64
C PRO A 259 8.60 -12.21 -3.13
N VAL A 260 8.25 -10.98 -3.52
CA VAL A 260 9.23 -9.98 -3.98
C VAL A 260 8.97 -8.65 -3.22
N ASN A 261 9.99 -8.14 -2.52
CA ASN A 261 9.93 -6.81 -1.89
C ASN A 261 9.91 -5.71 -2.96
N LEU A 262 8.95 -4.79 -2.85
CA LEU A 262 8.91 -3.57 -3.68
C LEU A 262 8.97 -2.35 -2.74
N GLY A 263 10.11 -1.68 -2.74
CA GLY A 263 10.33 -0.52 -1.91
C GLY A 263 11.57 0.25 -2.32
N ASN A 264 11.75 1.42 -1.73
CA ASN A 264 12.95 2.23 -1.91
C ASN A 264 13.91 2.00 -0.74
N PRO A 265 15.15 1.58 -1.03
CA PRO A 265 16.07 1.28 0.08
C PRO A 265 16.61 2.47 0.93
N GLU A 266 16.28 3.72 0.60
CA GLU A 266 16.78 4.89 1.35
C GLU A 266 16.07 5.08 2.72
N GLU A 267 16.77 4.71 3.80
CA GLU A 267 16.23 4.74 5.18
C GLU A 267 16.58 6.02 5.97
N HIS A 268 15.60 6.62 6.70
CA HIS A 268 15.87 7.77 7.61
C HIS A 268 15.03 7.67 8.91
N THR A 269 15.41 8.41 9.96
CA THR A 269 14.58 8.50 11.19
C THR A 269 13.34 9.37 10.96
N ILE A 270 12.30 9.15 11.77
CA ILE A 270 11.09 9.95 11.70
C ILE A 270 11.34 11.44 12.08
N LEU A 271 12.25 11.69 13.03
CA LEU A 271 12.64 13.09 13.32
C LEU A 271 13.32 13.73 12.10
N GLU A 272 14.21 13.00 11.41
CA GLU A 272 14.83 13.51 10.16
C GLU A 272 13.78 13.82 9.08
N PHE A 273 12.78 12.95 8.96
CA PHE A 273 11.69 13.16 8.00
CA PHE A 273 11.69 13.15 8.03
C PHE A 273 10.89 14.42 8.36
N ALA A 274 10.60 14.65 9.65
CA ALA A 274 9.89 15.87 10.10
C ALA A 274 10.68 17.14 9.75
N GLN A 275 11.98 17.11 10.02
CA GLN A 275 12.87 18.22 9.68
C GLN A 275 12.91 18.49 8.18
N LEU A 276 12.97 17.43 7.36
CA LEU A 276 13.00 17.56 5.89
C LEU A 276 11.71 18.16 5.34
N ILE A 277 10.54 17.67 5.81
CA ILE A 277 9.23 18.18 5.38
CA ILE A 277 9.27 18.19 5.32
C ILE A 277 9.09 19.66 5.75
N LYS A 278 9.43 20.00 7.00
CA LYS A 278 9.41 21.40 7.46
C LYS A 278 10.25 22.30 6.52
N ASN A 279 11.43 21.82 6.13
CA ASN A 279 12.32 22.54 5.21
C ASN A 279 11.75 22.69 3.78
N LEU A 280 11.20 21.60 3.22
CA LEU A 280 10.67 21.62 1.85
C LEU A 280 9.39 22.46 1.72
N VAL A 281 8.59 22.49 2.78
CA VAL A 281 7.39 23.33 2.83
C VAL A 281 7.72 24.79 3.10
N GLY A 282 8.79 25.04 3.86
CA GLY A 282 9.19 26.38 4.27
C GLY A 282 8.39 26.90 5.46
N SER A 283 8.19 26.02 6.46
CA SER A 283 7.23 26.24 7.55
C SER A 283 7.88 26.65 8.87
N GLY A 284 7.16 27.42 9.68
CA GLY A 284 7.60 27.78 11.03
C GLY A 284 6.99 26.93 12.14
N SER A 285 6.38 25.81 11.76
CA SER A 285 5.79 24.88 12.73
C SER A 285 6.80 24.37 13.77
N GLU A 286 6.34 24.28 15.01
CA GLU A 286 7.07 23.61 16.08
C GLU A 286 7.04 22.09 15.86
N ILE A 287 8.08 21.39 16.29
CA ILE A 287 8.09 19.94 16.35
C ILE A 287 7.83 19.57 17.81
N GLN A 288 6.76 18.80 18.04
CA GLN A 288 6.38 18.35 19.37
C GLN A 288 6.46 16.83 19.50
N PHE A 289 6.70 16.37 20.72
CA PHE A 289 6.92 14.96 21.02
C PHE A 289 5.80 14.46 21.93
N LEU A 290 5.01 13.54 21.38
CA LEU A 290 3.86 12.95 22.05
C LEU A 290 4.18 11.50 22.43
N SER A 291 3.17 10.81 22.97
CA SER A 291 3.32 9.41 23.37
CA SER A 291 3.34 9.41 23.37
C SER A 291 3.72 8.51 22.19
N GLU A 292 4.48 7.45 22.47
CA GLU A 292 4.79 6.42 21.48
C GLU A 292 3.51 5.69 21.05
N ALA A 293 3.51 5.18 19.82
CA ALA A 293 2.47 4.26 19.34
C ALA A 293 2.73 2.85 19.90
N GLN A 294 1.69 2.16 20.35
CA GLN A 294 1.86 0.82 20.93
C GLN A 294 2.32 -0.19 19.87
N ASP A 295 3.36 -0.96 20.20
CA ASP A 295 3.94 -1.98 19.30
C ASP A 295 4.49 -1.43 17.96
N ASP A 296 4.85 -0.16 17.93
CA ASP A 296 5.37 0.48 16.71
C ASP A 296 6.71 -0.18 16.26
N PRO A 297 6.80 -0.69 15.01
CA PRO A 297 8.13 -1.14 14.53
C PRO A 297 9.20 -0.05 14.65
N GLN A 298 10.40 -0.42 15.13
CA GLN A 298 11.43 0.55 15.42
C GLN A 298 12.37 0.85 14.26
N LYS A 299 12.42 -0.02 13.24
CA LYS A 299 13.21 0.22 12.02
C LYS A 299 12.66 -0.56 10.83
N ARG A 300 13.03 -0.09 9.63
CA ARG A 300 12.58 -0.69 8.37
C ARG A 300 13.43 -0.23 7.18
N LYS A 301 13.95 -1.20 6.39
CA LYS A 301 14.75 -0.95 5.18
C LYS A 301 14.67 -2.17 4.24
N PRO A 302 14.06 -2.03 3.05
CA PRO A 302 13.96 -3.22 2.16
C PRO A 302 15.29 -3.62 1.48
N ASP A 303 15.54 -4.92 1.38
CA ASP A 303 16.51 -5.48 0.41
C ASP A 303 15.78 -5.77 -0.92
N ILE A 304 16.15 -5.07 -1.99
CA ILE A 304 15.50 -5.26 -3.29
C ILE A 304 16.39 -5.94 -4.38
N LYS A 305 17.42 -6.67 -3.95
CA LYS A 305 18.23 -7.47 -4.90
C LYS A 305 17.38 -8.42 -5.79
N LYS A 306 16.39 -9.08 -5.17
CA LYS A 306 15.56 -10.03 -5.93
C LYS A 306 14.78 -9.35 -7.07
N ALA A 307 14.15 -8.22 -6.77
CA ALA A 307 13.43 -7.48 -7.81
C ALA A 307 14.38 -6.99 -8.94
N LYS A 308 15.57 -6.53 -8.55
CA LYS A 308 16.57 -6.09 -9.54
C LYS A 308 17.02 -7.22 -10.49
N LEU A 309 17.33 -8.38 -9.93
CA LEU A 309 17.87 -9.49 -10.73
C LEU A 309 16.83 -10.28 -11.51
N MSE A 310 15.63 -10.42 -10.97
CA MSE A 310 14.60 -11.26 -11.59
CA MSE A 310 14.54 -11.26 -11.54
C MSE A 310 13.65 -10.47 -12.50
O MSE A 310 13.12 -11.02 -13.46
CB MSE A 310 13.82 -12.04 -10.53
CB MSE A 310 13.65 -11.83 -10.44
CG MSE A 310 14.71 -12.86 -9.61
CG MSE A 310 14.31 -12.30 -9.14
SE MSE A 310 13.84 -14.37 -8.71
SE MSE A 310 14.52 -14.19 -8.96
CE MSE A 310 15.30 -14.89 -7.52
CE MSE A 310 15.32 -14.42 -10.51
N LEU A 311 13.43 -9.19 -12.20
CA LEU A 311 12.51 -8.31 -12.97
C LEU A 311 13.24 -7.22 -13.76
N GLY A 312 14.49 -6.93 -13.43
CA GLY A 312 15.17 -5.76 -13.96
C GLY A 312 14.61 -4.43 -13.47
N TRP A 313 13.94 -4.44 -12.31
CA TRP A 313 13.26 -3.25 -11.74
C TRP A 313 14.05 -2.59 -10.60
N GLU A 314 14.02 -1.26 -10.57
CA GLU A 314 14.39 -0.49 -9.37
C GLU A 314 13.65 0.86 -9.36
N PRO A 315 13.51 1.49 -8.17
CA PRO A 315 12.91 2.83 -8.12
C PRO A 315 13.79 3.87 -8.80
N VAL A 316 13.18 4.81 -9.52
CA VAL A 316 13.91 5.86 -10.23
C VAL A 316 13.55 7.31 -9.78
N VAL A 317 12.54 7.49 -8.93
CA VAL A 317 12.15 8.83 -8.45
C VAL A 317 12.84 9.19 -7.11
N PRO A 318 13.71 10.22 -7.12
CA PRO A 318 14.36 10.63 -5.85
C PRO A 318 13.36 11.13 -4.77
N LEU A 319 13.71 10.96 -3.50
CA LEU A 319 12.83 11.31 -2.37
C LEU A 319 12.33 12.77 -2.40
N GLU A 320 13.23 13.71 -2.62
CA GLU A 320 12.84 15.13 -2.62
C GLU A 320 11.89 15.45 -3.77
N GLU A 321 12.15 14.89 -4.96
CA GLU A 321 11.26 15.06 -6.13
C GLU A 321 9.86 14.51 -5.83
N GLY A 322 9.79 13.30 -5.26
CA GLY A 322 8.50 12.74 -4.85
C GLY A 322 7.76 13.56 -3.80
N LEU A 323 8.45 13.98 -2.73
CA LEU A 323 7.83 14.80 -1.67
C LEU A 323 7.29 16.12 -2.23
N ASN A 324 8.01 16.73 -3.16
CA ASN A 324 7.55 17.96 -3.78
C ASN A 324 6.24 17.76 -4.57
N LYS A 325 6.11 16.65 -5.28
CA LYS A 325 4.86 16.28 -5.96
C LYS A 325 3.69 16.11 -4.96
N ALA A 326 3.95 15.45 -3.82
CA ALA A 326 2.94 15.29 -2.77
C ALA A 326 2.52 16.62 -2.09
N ILE A 327 3.49 17.49 -1.83
CA ILE A 327 3.20 18.81 -1.22
C ILE A 327 2.30 19.64 -2.16
N HIS A 328 2.58 19.60 -3.46
CA HIS A 328 1.73 20.27 -4.46
C HIS A 328 0.27 19.78 -4.38
N TYR A 329 0.10 18.45 -4.33
CA TYR A 329 -1.23 17.88 -4.18
C TYR A 329 -1.98 18.43 -2.93
N PHE A 330 -1.34 18.42 -1.76
CA PHE A 330 -2.00 18.85 -0.52
C PHE A 330 -2.25 20.37 -0.44
N ARG A 331 -1.37 21.16 -1.05
CA ARG A 331 -1.59 22.61 -1.11
CA ARG A 331 -1.59 22.61 -1.11
C ARG A 331 -2.87 22.90 -1.89
N LYS A 332 -3.06 22.19 -3.01
CA LYS A 332 -4.31 22.26 -3.81
C LYS A 332 -5.53 21.81 -3.01
N GLU A 333 -5.39 20.74 -2.23
CA GLU A 333 -6.50 20.20 -1.40
C GLU A 333 -7.01 21.18 -0.33
N LEU A 334 -6.08 21.84 0.37
CA LEU A 334 -6.44 22.84 1.38
C LEU A 334 -7.14 24.04 0.74
N GLU A 335 -6.88 24.28 -0.54
CA GLU A 335 -7.63 25.26 -1.33
C GLU A 335 -9.04 24.75 -1.67
N TYR A 336 -9.14 23.49 -2.07
CA TYR A 336 -10.44 22.85 -2.33
C TYR A 336 -11.33 22.83 -1.09
N GLN A 337 -10.76 23.16 0.08
CA GLN A 337 -11.51 23.33 1.32
C GLN A 337 -11.85 24.80 1.58
N ALA A 338 -10.83 25.63 1.69
CA ALA A 338 -10.99 27.05 2.04
C ALA A 338 -11.86 27.79 1.01
PA NAD B . -6.20 2.88 0.76
O1A NAD B . -6.88 2.86 2.07
O2A NAD B . -6.24 4.16 0.04
O5B NAD B . -6.75 1.78 -0.27
C5B NAD B . -7.47 0.63 0.16
C4B NAD B . -8.77 0.54 -0.65
O4B NAD B . -9.44 -0.68 -0.34
C3B NAD B . -9.73 1.69 -0.34
O3B NAD B . -10.19 2.32 -1.52
C2B NAD B . -10.85 1.03 0.46
O2B NAD B . -12.13 1.68 0.38
C1B NAD B . -10.82 -0.38 -0.13
N9A NAD B . -11.39 -1.40 0.77
C8A NAD B . -11.12 -1.61 2.10
N7A NAD B . -11.84 -2.68 2.54
C5A NAD B . -12.57 -3.13 1.49
C6A NAD B . -13.51 -4.15 1.35
N6A NAD B . -13.83 -4.98 2.36
N1A NAD B . -14.09 -4.38 0.12
C2A NAD B . -13.78 -3.57 -0.97
N3A NAD B . -12.88 -2.53 -0.86
C4A NAD B . -12.29 -2.33 0.36
O3 NAD B . -4.67 2.44 1.02
PN NAD B . -3.41 2.18 -0.02
O1N NAD B . -2.25 2.83 0.61
O2N NAD B . -3.81 2.52 -1.42
O5D NAD B . -3.17 0.60 0.06
C5D NAD B . -3.54 -0.27 -0.98
C4D NAD B . -3.10 -1.71 -0.64
O4D NAD B . -1.68 -1.78 -0.57
C3D NAD B . -3.64 -2.19 0.71
O3D NAD B . -3.99 -3.56 0.63
C2D NAD B . -2.47 -2.02 1.65
O2D NAD B . -2.55 -2.89 2.76
C1D NAD B . -1.29 -2.26 0.71
N1N NAD B . -0.08 -1.60 1.26
C2N NAD B . 0.12 -0.26 1.06
C3N NAD B . 1.21 0.35 1.64
C7N NAD B . 1.45 1.81 1.39
O7N NAD B . 2.56 2.33 2.00
N7N NAD B . 0.68 2.57 0.62
C4N NAD B . 2.14 -0.39 2.41
C5N NAD B . 1.91 -1.77 2.60
C6N NAD B . 0.79 -2.35 2.01
N1 UDP C . 4.10 8.82 13.07
C2 UDP C . 4.38 9.98 13.76
N3 UDP C . 3.48 11.01 13.71
C4 UDP C . 2.30 10.94 13.01
C5 UDP C . 2.03 9.76 12.31
C6 UDP C . 2.90 8.68 12.39
O2 UDP C . 5.43 10.15 14.40
O4 UDP C . 1.55 11.92 13.05
C1' UDP C . 5.11 7.70 13.08
C2' UDP C . 4.55 6.32 13.46
O2' UDP C . 4.40 6.18 14.86
C3' UDP C . 5.59 5.40 12.80
C4' UDP C . 5.99 6.17 11.54
O4' UDP C . 5.68 7.54 11.78
O3' UDP C . 6.73 5.27 13.63
C5' UDP C . 5.26 5.73 10.27
O5' UDP C . 3.86 5.72 10.51
PA UDP C . 2.78 5.35 9.38
O1A UDP C . 2.93 6.30 8.25
O2A UDP C . 1.43 5.33 10.01
O3A UDP C . 3.22 3.92 8.79
PB UDP C . 3.53 2.45 9.41
O1B UDP C . 4.83 2.08 8.76
O2B UDP C . 2.42 1.61 8.93
O3B UDP C . 3.65 2.52 10.89
N1 UDP D . -16.21 -17.32 -5.08
C2 UDP D . -16.36 -16.06 -5.62
N3 UDP D . -16.38 -15.94 -7.00
C4 UDP D . -16.22 -17.02 -7.86
C5 UDP D . -16.02 -18.28 -7.30
C6 UDP D . -16.04 -18.41 -5.91
O2 UDP D . -16.52 -15.07 -4.89
O4 UDP D . -16.24 -16.85 -9.09
C1' UDP D . -16.14 -17.52 -3.61
C2' UDP D . -17.19 -18.48 -3.04
O2' UDP D . -18.03 -17.80 -2.11
C3' UDP D . -16.38 -19.59 -2.38
C4' UDP D . -14.97 -19.00 -2.25
O4' UDP D . -14.86 -18.08 -3.33
O3' UDP D . -16.91 -20.01 -1.14
C5' UDP D . -13.82 -20.00 -2.32
O5' UDP D . -13.86 -20.71 -3.54
PA UDP D . -13.49 -22.28 -3.56
O1A UDP D . -12.28 -22.52 -2.73
O2A UDP D . -13.40 -22.74 -4.98
O3A UDP D . -14.69 -22.90 -2.72
PB UDP D . -15.81 -23.99 -3.06
O1B UDP D . -15.16 -25.32 -3.01
O2B UDP D . -16.41 -23.76 -4.39
O3B UDP D . -16.79 -23.86 -1.97
#